data_9BCI
#
_entry.id   9BCI
#
_entity_poly.entity_id   1
_entity_poly.type   'polyribonucleotide'
_entity_poly.pdbx_seq_one_letter_code
;GGAUCUUCUGCUCUGCACAACCUUCGGGUGGUGCGAGA(AP7)CACAGGAUACC
;
_entity_poly.pdbx_strand_id   A
#